data_8EQZ
#
_entry.id   8EQZ
#
_cell.length_a   85.371
_cell.length_b   89.004
_cell.length_c   105.565
_cell.angle_alpha   90.000
_cell.angle_beta   90.000
_cell.angle_gamma   90.000
#
_symmetry.space_group_name_H-M   'P 21 21 21'
#
loop_
_entity.id
_entity.type
_entity.pdbx_description
1 polymer 'Nuclear receptor subfamily 1 group I member 2'
2 non-polymer N-[4-(1,1,1,3,3,3-hexafluoro-2-hydroxypropan-2-yl)phenyl]-N-hexylbenzenesulfonamide
3 water water
#
_entity_poly.entity_id   1
_entity_poly.type   'polypeptide(L)'
_entity_poly.pdbx_seq_one_letter_code
;MKKGHHHHHHGSERTGTQPLGVQGLTEEQRMMIRELMDAQMKTFDTTFSHFKNFRLPGVLSSGCELPESLQAPSREEAAK
WSQVRKDLCSLKVSLQLRGEDGSVWNYKPPADSGGKEIFSLLPHMADMSTYMFKGIISFAKVISYFRDLPIEDQISLLKG
AAFELCQLRFNTVFNAETGTWECGRLSYCLEDTAGGFQQLLLEPMLKFHYMLKKLQLHEEEYVLMQAISLFSPDRPGVLQ
HRVVDQLQEQFAITLKSYIECNRPQPAHRFLFLKIMAMLTELRSINAQHTQRLLRIQDIHPFATPLMQELFGITGSSGGS
GGSSHSSLTERHKILHRLLQEGSPSDITTLSVEPD
;
_entity_poly.pdbx_strand_id   A,B
#
loop_
_chem_comp.id
_chem_comp.type
_chem_comp.name
_chem_comp.formula
WQB non-polymer N-[4-(1,1,1,3,3,3-hexafluoro-2-hydroxypropan-2-yl)phenyl]-N-hexylbenzenesulfonamide 'C21 H23 F6 N O3 S'
#
# COMPACT_ATOMS: atom_id res chain seq x y z
N GLY A 24 26.36 -45.27 9.57
CA GLY A 24 26.22 -44.08 8.76
C GLY A 24 25.62 -44.35 7.40
N LEU A 25 25.88 -43.45 6.45
CA LEU A 25 25.36 -43.58 5.09
C LEU A 25 26.46 -44.08 4.16
N THR A 26 26.04 -44.72 3.08
CA THR A 26 26.97 -45.10 2.03
C THR A 26 27.53 -43.84 1.34
N GLU A 27 28.70 -44.00 0.73
CA GLU A 27 29.34 -42.86 0.07
C GLU A 27 28.48 -42.33 -1.07
N GLU A 28 27.78 -43.22 -1.78
CA GLU A 28 26.87 -42.78 -2.82
C GLU A 28 25.67 -42.04 -2.25
N GLN A 29 25.27 -42.38 -1.03
CA GLN A 29 24.16 -41.66 -0.40
C GLN A 29 24.59 -40.27 0.08
N ARG A 30 25.81 -40.15 0.61
CA ARG A 30 26.30 -38.84 1.01
C ARG A 30 26.46 -37.91 -0.19
N MET A 31 26.99 -38.44 -1.30
CA MET A 31 27.10 -37.64 -2.51
C MET A 31 25.74 -37.30 -3.08
N MET A 32 24.74 -38.15 -2.87
CA MET A 32 23.36 -37.83 -3.32
C MET A 32 22.84 -36.61 -2.57
N ILE A 33 23.04 -36.57 -1.26
CA ILE A 33 22.60 -35.42 -0.42
C ILE A 33 23.40 -34.18 -0.82
N ARG A 34 24.69 -34.33 -1.09
CA ARG A 34 25.55 -33.16 -1.40
C ARG A 34 25.14 -32.54 -2.74
N GLU A 35 24.81 -33.36 -3.73
CA GLU A 35 24.32 -32.82 -5.01
C GLU A 35 22.97 -32.11 -4.80
N LEU A 36 22.09 -32.68 -3.97
CA LEU A 36 20.80 -32.03 -3.74
C LEU A 36 20.98 -30.75 -2.94
N MET A 37 21.85 -30.77 -1.92
CA MET A 37 22.12 -29.55 -1.17
C MET A 37 22.79 -28.50 -2.04
N ASP A 38 23.76 -28.93 -2.87
CA ASP A 38 24.35 -28.03 -3.84
C ASP A 38 23.31 -27.47 -4.80
N ALA A 39 22.34 -28.32 -5.17
CA ALA A 39 21.25 -27.87 -6.03
C ALA A 39 20.41 -26.80 -5.33
N GLN A 40 20.05 -27.05 -4.07
CA GLN A 40 19.21 -26.11 -3.34
C GLN A 40 19.92 -24.78 -3.10
N MET A 41 21.21 -24.83 -2.75
CA MET A 41 21.94 -23.60 -2.48
C MET A 41 22.01 -22.70 -3.70
N LYS A 42 22.18 -23.29 -4.89
CA LYS A 42 22.36 -22.50 -6.10
C LYS A 42 21.06 -21.93 -6.66
N THR A 43 19.91 -22.50 -6.29
CA THR A 43 18.66 -22.16 -6.96
C THR A 43 17.52 -21.73 -6.03
N PHE A 44 17.74 -21.68 -4.72
CA PHE A 44 16.71 -21.25 -3.78
C PHE A 44 17.12 -19.89 -3.23
N ASP A 45 16.45 -18.84 -3.71
CA ASP A 45 16.65 -17.48 -3.23
C ASP A 45 15.87 -17.32 -1.93
N THR A 46 16.49 -17.78 -0.84
CA THR A 46 15.81 -17.84 0.46
C THR A 46 15.45 -16.45 1.00
N THR A 47 16.15 -15.41 0.55
CA THR A 47 15.81 -14.05 0.94
C THR A 47 14.95 -13.33 -0.10
N PHE A 48 14.69 -13.97 -1.25
CA PHE A 48 13.87 -13.40 -2.32
C PHE A 48 14.44 -12.08 -2.82
N SER A 49 15.76 -11.93 -2.72
CA SER A 49 16.40 -10.67 -3.09
C SER A 49 16.30 -10.39 -4.59
N HIS A 50 16.17 -11.43 -5.41
CA HIS A 50 16.12 -11.27 -6.86
C HIS A 50 14.71 -11.31 -7.40
N PHE A 51 13.70 -11.26 -6.53
CA PHE A 51 12.30 -11.21 -6.96
C PHE A 51 11.92 -9.73 -7.03
N LYS A 52 11.98 -9.16 -8.23
CA LYS A 52 11.68 -7.76 -8.45
C LYS A 52 10.63 -7.61 -9.53
N ASN A 53 10.22 -6.36 -9.75
CA ASN A 53 9.37 -5.97 -10.89
C ASN A 53 8.06 -6.73 -10.93
N PHE A 54 7.53 -7.07 -9.75
CA PHE A 54 6.27 -7.80 -9.66
C PHE A 54 5.10 -6.83 -9.59
N ARG A 55 3.96 -7.26 -10.12
CA ARG A 55 2.75 -6.45 -10.06
C ARG A 55 2.18 -6.45 -8.64
N LEU A 56 1.51 -5.35 -8.29
CA LEU A 56 0.94 -5.24 -6.94
C LEU A 56 -0.53 -4.84 -7.08
N PRO A 57 -1.40 -5.20 -6.13
CA PRO A 57 -2.78 -4.75 -6.18
C PRO A 57 -2.83 -3.23 -6.28
N GLY A 58 -3.69 -2.71 -7.15
CA GLY A 58 -3.76 -1.25 -7.37
C GLY A 58 -4.57 -0.51 -6.31
N VAL A 59 -4.48 0.82 -6.31
CA VAL A 59 -5.21 1.64 -5.30
C VAL A 59 -6.61 1.97 -5.80
N LEU A 60 -7.03 1.37 -6.92
CA LEU A 60 -8.39 1.57 -7.47
C LEU A 60 -9.35 0.62 -6.75
N ARG A 75 -25.93 -17.53 -17.32
CA ARG A 75 -26.70 -18.56 -16.61
C ARG A 75 -25.77 -19.61 -16.04
N GLU A 76 -25.32 -20.55 -16.89
CA GLU A 76 -24.35 -21.54 -16.43
C GLU A 76 -23.04 -20.87 -16.00
N GLU A 77 -22.67 -19.77 -16.65
CA GLU A 77 -21.46 -19.06 -16.27
C GLU A 77 -21.55 -18.48 -14.87
N ALA A 78 -22.77 -18.23 -14.37
CA ALA A 78 -22.90 -17.77 -12.99
C ALA A 78 -22.74 -18.89 -11.99
N ALA A 79 -22.85 -20.15 -12.42
CA ALA A 79 -22.48 -21.27 -11.57
C ALA A 79 -20.98 -21.46 -11.52
N LYS A 80 -20.29 -21.16 -12.62
CA LYS A 80 -18.83 -21.13 -12.62
C LYS A 80 -18.31 -20.05 -11.68
N TRP A 81 -18.99 -18.91 -11.63
CA TRP A 81 -18.51 -17.79 -10.80
C TRP A 81 -18.65 -18.17 -9.32
N SER A 82 -19.66 -18.96 -8.99
CA SER A 82 -19.91 -19.33 -7.57
C SER A 82 -18.79 -20.25 -7.09
N GLN A 83 -18.36 -21.16 -7.95
CA GLN A 83 -17.27 -22.09 -7.58
C GLN A 83 -15.98 -21.30 -7.37
N VAL A 84 -15.69 -20.34 -8.24
CA VAL A 84 -14.40 -19.57 -8.15
C VAL A 84 -14.40 -18.73 -6.88
N ARG A 85 -15.53 -18.13 -6.51
CA ARG A 85 -15.61 -17.39 -5.23
C ARG A 85 -15.21 -18.32 -4.08
N LYS A 86 -15.67 -19.56 -4.10
CA LYS A 86 -15.33 -20.54 -3.03
C LYS A 86 -13.83 -20.86 -3.10
N ASP A 87 -13.30 -20.96 -4.32
CA ASP A 87 -11.90 -21.32 -4.57
C ASP A 87 -10.97 -20.23 -4.03
N LEU A 88 -11.44 -18.99 -3.97
CA LEU A 88 -10.54 -17.83 -3.71
C LEU A 88 -10.73 -17.27 -2.29
N CYS A 89 -11.56 -17.88 -1.46
CA CYS A 89 -11.76 -17.35 -0.08
C CYS A 89 -10.58 -17.75 0.81
N SER A 90 -10.06 -18.95 0.58
CA SER A 90 -8.88 -19.49 1.29
C SER A 90 -7.74 -18.47 1.32
N LEU A 91 -7.50 -17.80 0.20
CA LEU A 91 -6.38 -16.84 0.03
C LEU A 91 -6.77 -15.51 0.68
N LYS A 92 -7.07 -15.55 1.97
CA LYS A 92 -7.16 -14.31 2.78
C LYS A 92 -5.78 -14.00 3.35
N VAL A 93 -4.94 -13.36 2.54
CA VAL A 93 -3.57 -13.02 3.01
C VAL A 93 -3.34 -11.52 2.91
N SER A 94 -2.67 -10.95 3.90
CA SER A 94 -2.26 -9.53 3.83
C SER A 94 -0.82 -9.48 3.33
N LEU A 95 -0.48 -8.48 2.53
CA LEU A 95 0.88 -8.38 1.96
C LEU A 95 1.61 -7.22 2.64
N GLN A 96 2.83 -7.47 3.13
CA GLN A 96 3.64 -6.40 3.76
C GLN A 96 4.91 -6.20 2.95
N LEU A 97 5.27 -4.95 2.68
CA LEU A 97 6.51 -4.64 1.93
C LEU A 97 7.42 -3.75 2.78
N ARG A 98 8.40 -4.34 3.47
CA ARG A 98 9.40 -3.56 4.25
C ARG A 98 10.32 -2.86 3.25
N GLY A 99 10.51 -1.54 3.33
CA GLY A 99 11.39 -0.77 2.48
C GLY A 99 12.79 -0.66 3.02
N GLU A 100 13.72 -0.36 2.11
CA GLU A 100 15.12 -0.20 2.49
C GLU A 100 15.30 0.91 3.50
N ASP A 101 14.50 1.97 3.41
CA ASP A 101 14.62 3.10 4.32
C ASP A 101 14.07 2.81 5.71
N GLY A 102 13.30 1.74 5.86
CA GLY A 102 12.63 1.43 7.11
C GLY A 102 11.13 1.57 7.07
N SER A 103 10.57 2.06 5.96
CA SER A 103 9.13 2.21 5.82
C SER A 103 8.47 0.87 5.54
N VAL A 104 7.17 0.80 5.80
CA VAL A 104 6.39 -0.43 5.64
C VAL A 104 5.10 -0.10 4.90
N TRP A 105 4.86 -0.81 3.80
CA TRP A 105 3.59 -0.80 3.08
C TRP A 105 2.81 -2.07 3.43
N ASN A 106 1.52 -1.93 3.72
CA ASN A 106 0.68 -3.06 4.10
C ASN A 106 -0.60 -3.07 3.27
N TYR A 107 -1.08 -4.28 2.92
CA TYR A 107 -2.24 -4.43 2.05
C TYR A 107 -3.24 -5.43 2.61
N LYS A 108 -4.42 -4.92 2.99
CA LYS A 108 -5.55 -5.76 3.45
C LYS A 108 -6.32 -6.09 2.16
N PRO A 109 -6.57 -7.37 1.80
CA PRO A 109 -7.36 -7.70 0.61
C PRO A 109 -8.80 -7.28 0.82
N PRO A 110 -9.53 -7.02 -0.26
CA PRO A 110 -10.95 -6.65 -0.13
C PRO A 110 -11.81 -7.85 0.26
N ALA A 111 -12.95 -7.55 0.86
CA ALA A 111 -13.96 -8.56 1.15
C ALA A 111 -14.78 -8.83 -0.10
N ASP A 112 -15.15 -10.09 -0.32
CA ASP A 112 -15.87 -10.47 -1.57
C ASP A 112 -17.14 -9.64 -1.70
N SER A 113 -17.24 -8.86 -2.77
CA SER A 113 -18.50 -8.12 -3.04
C SER A 113 -19.14 -8.73 -4.29
N GLY A 114 -19.39 -7.92 -5.31
CA GLY A 114 -19.97 -8.43 -6.57
C GLY A 114 -19.03 -9.34 -7.33
N GLY A 115 -17.73 -9.05 -7.26
CA GLY A 115 -16.72 -9.88 -7.95
C GLY A 115 -15.62 -9.02 -8.55
N LYS A 116 -14.67 -9.64 -9.23
CA LYS A 116 -13.52 -8.94 -9.87
C LYS A 116 -12.52 -8.48 -8.81
N GLU A 117 -12.99 -7.94 -7.70
CA GLU A 117 -12.10 -7.51 -6.59
C GLU A 117 -11.52 -8.77 -5.95
N ILE A 118 -12.12 -9.92 -6.21
CA ILE A 118 -11.64 -11.20 -5.64
C ILE A 118 -10.38 -11.63 -6.40
N PHE A 119 -10.07 -10.96 -7.50
CA PHE A 119 -8.91 -11.30 -8.33
C PHE A 119 -7.81 -10.25 -8.19
N SER A 120 -7.86 -9.42 -7.14
CA SER A 120 -6.90 -8.28 -6.95
C SER A 120 -5.48 -8.77 -6.73
N LEU A 121 -5.31 -9.88 -6.02
CA LEU A 121 -3.97 -10.39 -5.69
C LEU A 121 -3.50 -11.41 -6.75
N LEU A 122 -4.35 -11.76 -7.72
CA LEU A 122 -3.92 -12.79 -8.68
C LEU A 122 -2.71 -12.37 -9.51
N PRO A 123 -2.62 -11.15 -10.06
CA PRO A 123 -1.40 -10.80 -10.80
C PRO A 123 -0.13 -10.90 -9.97
N HIS A 124 -0.14 -10.41 -8.73
CA HIS A 124 1.02 -10.55 -7.88
C HIS A 124 1.32 -12.01 -7.58
N MET A 125 0.31 -12.79 -7.25
CA MET A 125 0.53 -14.22 -6.87
C MET A 125 1.12 -14.98 -8.05
N ALA A 126 0.70 -14.65 -9.27
CA ALA A 126 1.20 -15.30 -10.50
C ALA A 126 2.66 -14.95 -10.71
N ASP A 127 3.04 -13.70 -10.44
CA ASP A 127 4.45 -13.27 -10.57
C ASP A 127 5.31 -14.03 -9.55
N MET A 128 4.77 -14.23 -8.35
CA MET A 128 5.54 -14.96 -7.29
C MET A 128 5.64 -16.44 -7.65
N SER A 129 4.53 -17.03 -8.09
CA SER A 129 4.55 -18.44 -8.48
C SER A 129 5.51 -18.68 -9.64
N THR A 130 5.48 -17.79 -10.64
CA THR A 130 6.39 -17.93 -11.78
C THR A 130 7.84 -17.81 -11.33
N TYR A 131 8.13 -16.86 -10.44
CA TYR A 131 9.49 -16.72 -9.90
C TYR A 131 9.91 -18.00 -9.19
N MET A 132 9.01 -18.58 -8.38
CA MET A 132 9.33 -19.82 -7.68
C MET A 132 9.48 -20.98 -8.67
N PHE A 133 8.62 -21.02 -9.70
CA PHE A 133 8.70 -22.10 -10.69
C PHE A 133 10.04 -22.09 -11.41
N LYS A 134 10.56 -20.90 -11.73
CA LYS A 134 11.86 -20.81 -12.39
C LYS A 134 12.97 -21.35 -11.50
N GLY A 135 12.89 -21.06 -10.20
CA GLY A 135 13.86 -21.64 -9.27
C GLY A 135 13.73 -23.14 -9.17
N ILE A 136 12.53 -23.70 -9.28
CA ILE A 136 12.33 -25.18 -9.24
C ILE A 136 12.91 -25.83 -10.50
N ILE A 137 12.70 -25.23 -11.66
CA ILE A 137 13.27 -25.76 -12.93
C ILE A 137 14.80 -25.72 -12.84
N SER A 138 15.36 -24.64 -12.30
CA SER A 138 16.83 -24.57 -12.15
C SER A 138 17.35 -25.65 -11.18
N PHE A 139 16.58 -25.98 -10.14
CA PHE A 139 16.95 -27.03 -9.16
C PHE A 139 17.07 -28.39 -9.84
N ALA A 140 16.07 -28.74 -10.65
CA ALA A 140 16.02 -30.02 -11.37
C ALA A 140 17.15 -30.06 -12.40
N LYS A 141 17.44 -28.94 -13.06
CA LYS A 141 18.48 -28.84 -14.13
C LYS A 141 19.87 -29.17 -13.55
N VAL A 142 20.17 -28.89 -12.29
CA VAL A 142 21.53 -29.06 -11.70
C VAL A 142 21.69 -30.48 -11.12
N ILE A 143 20.64 -31.31 -11.12
CA ILE A 143 20.71 -32.71 -10.61
C ILE A 143 21.10 -33.62 -11.77
N SER A 144 22.17 -34.39 -11.58
CA SER A 144 22.65 -35.28 -12.62
C SER A 144 21.60 -36.31 -13.01
N TYR A 145 20.96 -36.93 -12.01
CA TYR A 145 19.96 -37.96 -12.29
C TYR A 145 18.80 -37.43 -13.11
N PHE A 146 18.53 -36.13 -13.04
CA PHE A 146 17.45 -35.51 -13.78
C PHE A 146 17.86 -35.13 -15.19
N ARG A 147 19.11 -34.66 -15.37
CA ARG A 147 19.58 -34.28 -16.69
C ARG A 147 19.72 -35.47 -17.62
N ASP A 148 19.98 -36.66 -17.07
CA ASP A 148 20.17 -37.87 -17.86
C ASP A 148 18.86 -38.53 -18.27
N LEU A 149 17.74 -37.85 -18.11
CA LEU A 149 16.43 -38.33 -18.52
C LEU A 149 16.04 -37.69 -19.84
N PRO A 150 15.13 -38.33 -20.63
CA PRO A 150 14.64 -37.70 -21.84
C PRO A 150 13.98 -36.37 -21.51
N ILE A 151 14.21 -35.36 -22.35
CA ILE A 151 13.65 -33.99 -22.11
C ILE A 151 12.14 -34.06 -21.89
N GLU A 152 11.47 -35.00 -22.53
CA GLU A 152 9.99 -35.06 -22.43
C GLU A 152 9.60 -35.60 -21.06
N ASP A 153 10.43 -36.46 -20.49
CA ASP A 153 10.17 -36.96 -19.12
C ASP A 153 10.59 -35.86 -18.13
N GLN A 154 11.62 -35.11 -18.46
CA GLN A 154 12.02 -33.96 -17.62
C GLN A 154 10.84 -32.98 -17.56
N ILE A 155 10.16 -32.78 -18.69
CA ILE A 155 9.05 -31.83 -18.70
C ILE A 155 7.84 -32.40 -17.98
N SER A 156 7.58 -33.71 -18.17
CA SER A 156 6.43 -34.32 -17.50
C SER A 156 6.62 -34.32 -16.00
N LEU A 157 7.86 -34.55 -15.53
CA LEU A 157 8.12 -34.52 -14.09
C LEU A 157 7.97 -33.11 -13.53
N LEU A 158 8.46 -32.12 -14.25
CA LEU A 158 8.33 -30.74 -13.79
C LEU A 158 6.88 -30.27 -13.81
N LYS A 159 6.09 -30.75 -14.76
CA LYS A 159 4.66 -30.36 -14.78
C LYS A 159 3.92 -30.97 -13.60
N GLY A 160 4.33 -32.15 -13.15
CA GLY A 160 3.61 -32.81 -12.07
C GLY A 160 4.03 -32.40 -10.68
N ALA A 161 5.24 -31.85 -10.53
CA ALA A 161 5.81 -31.57 -9.22
C ALA A 161 6.10 -30.09 -8.96
N ALA A 162 5.91 -29.21 -9.95
CA ALA A 162 6.27 -27.81 -9.79
C ALA A 162 5.57 -27.18 -8.58
N PHE A 163 4.25 -27.35 -8.49
CA PHE A 163 3.51 -26.79 -7.37
C PHE A 163 3.98 -27.39 -6.04
N GLU A 164 4.24 -28.70 -6.03
CA GLU A 164 4.60 -29.37 -4.77
C GLU A 164 5.96 -28.90 -4.26
N LEU A 165 6.96 -28.80 -5.15
CA LEU A 165 8.27 -28.34 -4.72
C LEU A 165 8.24 -26.88 -4.27
N CYS A 166 7.39 -26.06 -4.89
N CYS A 166 7.37 -26.06 -4.87
CA CYS A 166 7.25 -24.67 -4.44
CA CYS A 166 7.24 -24.67 -4.46
C CYS A 166 6.69 -24.60 -3.03
C CYS A 166 6.66 -24.57 -3.05
N GLN A 167 5.69 -25.43 -2.73
CA GLN A 167 5.13 -25.45 -1.39
C GLN A 167 6.15 -25.93 -0.37
N LEU A 168 6.97 -26.91 -0.75
CA LEU A 168 8.01 -27.40 0.16
C LEU A 168 9.02 -26.31 0.47
N ARG A 169 9.37 -25.50 -0.52
CA ARG A 169 10.31 -24.38 -0.30
C ARG A 169 9.61 -23.28 0.51
N PHE A 170 8.32 -23.06 0.28
CA PHE A 170 7.59 -22.05 1.03
C PHE A 170 7.46 -22.41 2.49
N ASN A 171 7.42 -23.71 2.81
CA ASN A 171 7.33 -24.12 4.21
C ASN A 171 8.55 -23.70 5.01
N THR A 172 9.73 -23.64 4.37
CA THR A 172 10.94 -23.29 5.09
C THR A 172 10.98 -21.82 5.49
N VAL A 173 10.16 -20.97 4.88
CA VAL A 173 10.05 -19.57 5.26
C VAL A 173 8.73 -19.29 5.99
N PHE A 174 7.98 -20.33 6.34
CA PHE A 174 6.72 -20.17 7.04
C PHE A 174 6.94 -20.06 8.54
N ASN A 175 6.32 -19.05 9.16
CA ASN A 175 6.35 -18.87 10.60
C ASN A 175 5.00 -19.31 11.15
N ALA A 176 4.98 -20.45 11.84
CA ALA A 176 3.71 -20.97 12.36
C ALA A 176 3.19 -20.15 13.53
N GLU A 177 4.07 -19.48 14.26
CA GLU A 177 3.63 -18.69 15.41
C GLU A 177 2.90 -17.42 14.98
N THR A 178 3.28 -16.85 13.83
CA THR A 178 2.65 -15.64 13.34
C THR A 178 1.80 -15.86 12.09
N GLY A 179 1.73 -17.09 11.59
CA GLY A 179 0.97 -17.37 10.38
C GLY A 179 1.42 -16.57 9.19
N THR A 180 2.73 -16.40 9.04
CA THR A 180 3.29 -15.49 8.05
C THR A 180 4.38 -16.19 7.25
N TRP A 181 4.32 -16.06 5.93
CA TRP A 181 5.41 -16.48 5.04
C TRP A 181 6.37 -15.31 4.92
N GLU A 182 7.59 -15.48 5.44
CA GLU A 182 8.58 -14.40 5.49
C GLU A 182 9.50 -14.53 4.29
N CYS A 183 9.13 -13.82 3.23
CA CYS A 183 9.87 -13.91 1.94
C CYS A 183 10.75 -12.67 1.78
N GLY A 184 11.70 -12.50 2.69
CA GLY A 184 12.60 -11.34 2.67
C GLY A 184 11.92 -10.06 3.11
N ARG A 185 11.84 -9.10 2.20
CA ARG A 185 11.19 -7.81 2.50
C ARG A 185 9.68 -7.97 2.30
N LEU A 186 9.26 -9.04 1.62
CA LEU A 186 7.82 -9.30 1.46
C LEU A 186 7.35 -10.26 2.54
N SER A 187 6.15 -10.08 3.03
CA SER A 187 5.55 -11.00 4.02
C SER A 187 4.10 -11.24 3.63
N TYR A 188 3.66 -12.49 3.75
CA TYR A 188 2.28 -12.86 3.43
C TYR A 188 1.68 -13.36 4.73
N CYS A 189 0.80 -12.57 5.33
CA CYS A 189 0.24 -12.93 6.65
C CYS A 189 -1.19 -13.39 6.50
N LEU A 190 -1.53 -14.54 7.06
CA LEU A 190 -2.91 -15.05 6.98
C LEU A 190 -3.83 -14.14 7.80
N GLU A 191 -4.90 -13.66 7.17
CA GLU A 191 -5.82 -12.73 7.87
C GLU A 191 -6.76 -13.55 8.75
N ASP A 192 -6.87 -13.18 10.03
CA ASP A 192 -7.76 -13.91 10.97
C ASP A 192 -9.20 -13.81 10.46
N THR A 193 -9.69 -14.87 9.81
CA THR A 193 -11.03 -14.83 9.18
C THR A 193 -12.10 -14.87 10.25
N ALA A 194 -12.13 -15.91 11.08
CA ALA A 194 -13.20 -16.04 12.08
C ALA A 194 -12.63 -16.61 13.37
N GLY A 195 -13.08 -17.80 13.79
CA GLY A 195 -12.56 -18.45 15.00
C GLY A 195 -11.05 -18.36 15.05
N GLY A 196 -10.38 -18.78 13.98
CA GLY A 196 -8.91 -18.64 13.93
C GLY A 196 -8.25 -19.94 13.54
N PHE A 197 -7.34 -20.43 14.36
CA PHE A 197 -6.59 -21.67 14.06
C PHE A 197 -7.55 -22.74 13.53
N GLN A 198 -8.61 -23.06 14.27
CA GLN A 198 -9.55 -24.13 13.86
C GLN A 198 -10.14 -23.85 12.46
N GLN A 199 -10.61 -22.62 12.20
CA GLN A 199 -11.25 -22.28 10.90
C GLN A 199 -10.22 -22.34 9.76
N LEU A 200 -8.98 -21.97 10.03
CA LEU A 200 -7.92 -21.99 8.99
C LEU A 200 -7.52 -23.45 8.74
N LEU A 201 -7.33 -24.24 9.80
CA LEU A 201 -6.84 -25.64 9.62
C LEU A 201 -7.84 -26.47 8.80
N LEU A 202 -8.96 -25.89 8.40
CA LEU A 202 -9.93 -26.61 7.53
C LEU A 202 -9.39 -26.59 6.09
N GLU A 203 -8.66 -25.55 5.70
CA GLU A 203 -8.05 -25.48 4.34
C GLU A 203 -6.86 -26.44 4.30
N PRO A 204 -6.91 -27.49 3.46
CA PRO A 204 -5.84 -28.50 3.44
C PRO A 204 -4.40 -27.99 3.33
N MET A 205 -4.16 -26.90 2.59
CA MET A 205 -2.78 -26.38 2.38
C MET A 205 -2.26 -25.72 3.66
N LEU A 206 -3.10 -24.97 4.36
CA LEU A 206 -2.68 -24.37 5.64
C LEU A 206 -2.35 -25.48 6.62
N LYS A 207 -3.20 -26.51 6.67
CA LYS A 207 -2.95 -27.66 7.56
C LYS A 207 -1.60 -28.27 7.20
N PHE A 208 -1.35 -28.50 5.91
CA PHE A 208 -0.03 -29.02 5.46
C PHE A 208 1.12 -28.19 6.04
N HIS A 209 1.11 -26.88 5.84
CA HIS A 209 2.22 -26.02 6.29
C HIS A 209 2.42 -26.15 7.81
N TYR A 210 1.34 -26.22 8.57
CA TYR A 210 1.43 -26.33 10.04
C TYR A 210 1.94 -27.73 10.40
N MET A 211 1.40 -28.78 9.79
CA MET A 211 1.89 -30.11 10.16
C MET A 211 3.34 -30.31 9.75
N LEU A 212 3.71 -29.84 8.55
CA LEU A 212 5.09 -30.02 8.11
C LEU A 212 6.05 -29.21 8.96
N LYS A 213 5.67 -27.98 9.32
CA LYS A 213 6.52 -27.16 10.20
C LYS A 213 6.72 -27.82 11.56
N LYS A 214 5.70 -28.53 12.05
CA LYS A 214 5.81 -29.16 13.37
C LYS A 214 6.83 -30.28 13.38
N LEU A 215 7.12 -30.90 12.23
CA LEU A 215 8.12 -31.96 12.18
C LEU A 215 9.53 -31.44 12.37
N GLN A 216 9.75 -30.13 12.22
CA GLN A 216 11.05 -29.50 12.42
C GLN A 216 12.15 -30.21 11.63
N LEU A 217 11.94 -30.26 10.32
CA LEU A 217 12.84 -31.00 9.45
C LEU A 217 14.15 -30.25 9.22
N HIS A 218 15.19 -31.00 8.90
CA HIS A 218 16.47 -30.42 8.52
C HIS A 218 16.45 -30.01 7.05
N GLU A 219 17.42 -29.18 6.68
CA GLU A 219 17.56 -28.79 5.28
C GLU A 219 17.73 -30.00 4.38
N GLU A 220 18.53 -30.98 4.82
CA GLU A 220 18.74 -32.17 4.02
C GLU A 220 17.45 -32.97 3.84
N GLU A 221 16.59 -32.98 4.86
CA GLU A 221 15.34 -33.71 4.74
C GLU A 221 14.35 -32.98 3.83
N TYR A 222 14.35 -31.64 3.88
CA TYR A 222 13.53 -30.87 2.95
C TYR A 222 13.93 -31.13 1.51
N VAL A 223 15.24 -31.13 1.24
CA VAL A 223 15.71 -31.30 -0.12
C VAL A 223 15.52 -32.74 -0.60
N LEU A 224 15.50 -33.70 0.33
CA LEU A 224 15.21 -35.07 -0.05
C LEU A 224 13.73 -35.26 -0.34
N MET A 225 12.86 -34.55 0.38
CA MET A 225 11.45 -34.53 0.03
C MET A 225 11.24 -34.00 -1.38
N GLN A 226 11.97 -32.97 -1.75
CA GLN A 226 11.84 -32.40 -3.09
C GLN A 226 12.24 -33.41 -4.16
N ALA A 227 13.30 -34.17 -3.92
CA ALA A 227 13.74 -35.16 -4.90
C ALA A 227 12.73 -36.30 -5.02
N ILE A 228 12.18 -36.76 -3.89
CA ILE A 228 11.19 -37.83 -3.93
C ILE A 228 9.95 -37.36 -4.68
N SER A 229 9.53 -36.12 -4.45
CA SER A 229 8.37 -35.58 -5.15
C SER A 229 8.67 -35.36 -6.63
N LEU A 230 9.88 -34.88 -6.94
CA LEU A 230 10.24 -34.60 -8.33
C LEU A 230 10.29 -35.89 -9.16
N PHE A 231 10.96 -36.89 -8.61
CA PHE A 231 11.10 -38.18 -9.33
C PHE A 231 9.92 -39.08 -9.02
N SER A 232 8.70 -38.60 -9.28
CA SER A 232 7.50 -39.44 -9.08
C SER A 232 7.19 -40.15 -10.40
N PRO A 233 7.19 -41.50 -10.45
CA PRO A 233 7.04 -42.24 -11.72
C PRO A 233 5.64 -42.20 -12.31
N ASP A 234 4.61 -41.91 -11.50
CA ASP A 234 3.23 -41.97 -11.96
C ASP A 234 2.68 -40.60 -12.35
N ARG A 235 3.54 -39.67 -12.77
CA ARG A 235 3.04 -38.41 -13.26
C ARG A 235 2.52 -38.55 -14.69
N PRO A 236 1.52 -37.75 -15.07
CA PRO A 236 1.00 -37.85 -16.44
C PRO A 236 2.09 -37.58 -17.47
N GLY A 237 2.19 -38.47 -18.45
CA GLY A 237 3.12 -38.33 -19.55
C GLY A 237 4.46 -39.02 -19.37
N VAL A 238 4.80 -39.46 -18.15
CA VAL A 238 6.08 -40.12 -17.94
C VAL A 238 6.16 -41.40 -18.77
N LEU A 239 7.30 -41.63 -19.41
CA LEU A 239 7.49 -42.87 -20.20
C LEU A 239 8.47 -43.80 -19.48
N GLN A 240 9.63 -43.29 -19.07
CA GLN A 240 10.66 -44.12 -18.38
C GLN A 240 10.24 -44.36 -16.92
N HIS A 241 9.11 -45.02 -16.69
CA HIS A 241 8.55 -45.23 -15.34
C HIS A 241 9.48 -46.01 -14.41
N ARG A 242 10.10 -47.08 -14.88
CA ARG A 242 10.94 -47.93 -13.99
C ARG A 242 12.24 -47.23 -13.63
N VAL A 243 12.82 -46.45 -14.54
CA VAL A 243 14.03 -45.66 -14.20
C VAL A 243 13.67 -44.62 -13.13
N VAL A 244 12.56 -43.92 -13.33
CA VAL A 244 12.15 -42.86 -12.37
C VAL A 244 11.80 -43.53 -11.04
N ASP A 245 11.06 -44.63 -11.08
CA ASP A 245 10.68 -45.32 -9.85
C ASP A 245 11.90 -45.77 -9.07
N GLN A 246 12.92 -46.28 -9.77
CA GLN A 246 14.15 -46.70 -9.10
C GLN A 246 14.88 -45.50 -8.51
N LEU A 247 14.90 -44.38 -9.23
CA LEU A 247 15.56 -43.12 -8.75
C LEU A 247 14.81 -42.65 -7.49
N GLN A 248 13.49 -42.71 -7.47
CA GLN A 248 12.70 -42.30 -6.28
C GLN A 248 13.01 -43.19 -5.08
N GLU A 249 13.13 -44.50 -5.29
CA GLU A 249 13.39 -45.46 -4.20
C GLU A 249 14.74 -45.15 -3.54
N GLN A 250 15.75 -44.83 -4.34
CA GLN A 250 17.09 -44.55 -3.80
C GLN A 250 17.08 -43.27 -2.98
N PHE A 251 16.33 -42.26 -3.41
CA PHE A 251 16.22 -40.99 -2.65
C PHE A 251 15.46 -41.26 -1.35
N ALA A 252 14.41 -42.08 -1.41
CA ALA A 252 13.61 -42.44 -0.22
C ALA A 252 14.46 -43.27 0.74
N ILE A 253 15.24 -44.20 0.22
CA ILE A 253 16.12 -44.99 1.08
C ILE A 253 17.15 -44.09 1.75
N THR A 254 17.71 -43.14 0.98
CA THR A 254 18.68 -42.20 1.55
C THR A 254 18.05 -41.37 2.67
N LEU A 255 16.80 -40.92 2.47
CA LEU A 255 16.14 -40.16 3.52
C LEU A 255 15.85 -41.03 4.73
N LYS A 256 15.38 -42.26 4.50
CA LYS A 256 15.15 -43.19 5.60
C LYS A 256 16.44 -43.47 6.35
N SER A 257 17.56 -43.62 5.61
CA SER A 257 18.84 -43.88 6.26
C SER A 257 19.38 -42.62 6.95
N TYR A 258 19.14 -41.45 6.37
CA TYR A 258 19.56 -40.21 7.02
C TYR A 258 18.88 -40.04 8.37
N ILE A 259 17.61 -40.39 8.46
CA ILE A 259 16.87 -40.19 9.75
C ILE A 259 17.40 -41.18 10.80
N GLU A 260 17.58 -42.44 10.42
CA GLU A 260 18.04 -43.49 11.37
C GLU A 260 19.44 -43.17 11.90
N CYS A 261 20.28 -42.48 11.13
CA CYS A 261 21.68 -42.25 11.53
C CYS A 261 21.91 -40.87 12.14
N ASN A 262 21.02 -39.89 11.90
CA ASN A 262 21.30 -38.51 12.38
C ASN A 262 20.22 -37.99 13.32
N ARG A 263 19.30 -38.86 13.74
CA ARG A 263 18.25 -38.45 14.68
C ARG A 263 18.11 -39.47 15.82
N PRO A 264 17.91 -39.03 17.09
CA PRO A 264 17.67 -39.95 18.21
C PRO A 264 16.70 -41.02 17.75
N GLN A 265 17.15 -42.27 17.66
CA GLN A 265 16.28 -43.30 17.02
C GLN A 265 15.09 -43.75 17.87
N PRO A 266 15.16 -44.01 19.20
CA PRO A 266 13.94 -44.37 19.95
C PRO A 266 13.03 -43.14 20.17
N ALA A 267 12.70 -42.38 19.11
CA ALA A 267 11.88 -41.15 19.22
C ALA A 267 11.43 -40.72 17.83
N HIS A 268 12.31 -40.83 16.84
CA HIS A 268 11.99 -40.48 15.44
C HIS A 268 11.80 -41.78 14.65
N ARG A 269 11.20 -42.78 15.28
CA ARG A 269 11.01 -44.12 14.67
C ARG A 269 10.13 -44.04 13.42
N PHE A 270 9.11 -43.20 13.41
CA PHE A 270 8.18 -43.18 12.27
C PHE A 270 8.23 -41.85 11.51
N LEU A 271 9.31 -41.08 11.69
CA LEU A 271 9.42 -39.76 11.02
C LEU A 271 9.45 -39.96 9.51
N PHE A 272 10.18 -40.97 9.04
CA PHE A 272 10.19 -41.20 7.60
C PHE A 272 8.78 -41.46 7.07
N LEU A 273 8.02 -42.29 7.78
CA LEU A 273 6.66 -42.60 7.34
C LEU A 273 5.74 -41.39 7.46
N LYS A 274 5.99 -40.54 8.46
CA LYS A 274 5.25 -39.28 8.53
C LYS A 274 5.55 -38.40 7.32
N ILE A 275 6.82 -38.30 6.94
CA ILE A 275 7.21 -37.52 5.78
C ILE A 275 6.53 -38.05 4.52
N MET A 276 6.48 -39.37 4.38
CA MET A 276 5.88 -39.97 3.15
C MET A 276 4.37 -39.67 3.10
N ALA A 277 3.74 -39.60 4.26
CA ALA A 277 2.29 -39.30 4.31
C ALA A 277 2.07 -37.83 3.98
N MET A 278 2.99 -36.95 4.40
CA MET A 278 2.86 -35.56 4.00
C MET A 278 2.99 -35.40 2.49
N LEU A 279 3.89 -36.16 1.87
CA LEU A 279 4.04 -36.09 0.42
C LEU A 279 2.82 -36.63 -0.30
N THR A 280 2.16 -37.65 0.27
CA THR A 280 0.94 -38.16 -0.34
C THR A 280 -0.18 -37.13 -0.25
N GLU A 281 -0.32 -36.46 0.89
CA GLU A 281 -1.31 -35.39 1.02
C GLU A 281 -0.96 -34.22 0.12
N LEU A 282 0.33 -33.90 -0.01
CA LEU A 282 0.75 -32.81 -0.88
C LEU A 282 0.37 -33.08 -2.32
N ARG A 283 0.46 -34.34 -2.76
CA ARG A 283 0.04 -34.69 -4.12
C ARG A 283 -1.45 -34.47 -4.30
N SER A 284 -2.24 -34.73 -3.27
CA SER A 284 -3.68 -34.49 -3.34
C SER A 284 -3.98 -32.99 -3.40
N ILE A 285 -3.30 -32.20 -2.57
CA ILE A 285 -3.48 -30.75 -2.61
C ILE A 285 -3.05 -30.19 -3.96
N ASN A 286 -2.03 -30.76 -4.59
CA ASN A 286 -1.59 -30.30 -5.93
C ASN A 286 -2.74 -30.40 -6.94
N ALA A 287 -3.44 -31.52 -6.94
CA ALA A 287 -4.54 -31.75 -7.89
C ALA A 287 -5.70 -30.79 -7.61
N GLN A 288 -6.01 -30.54 -6.35
CA GLN A 288 -7.07 -29.57 -6.01
C GLN A 288 -6.67 -28.21 -6.57
N HIS A 289 -5.41 -27.83 -6.43
CA HIS A 289 -4.94 -26.49 -6.88
C HIS A 289 -5.02 -26.38 -8.40
N THR A 290 -4.61 -27.41 -9.12
CA THR A 290 -4.70 -27.41 -10.59
C THR A 290 -6.16 -27.16 -10.99
N GLN A 291 -7.11 -27.86 -10.39
CA GLN A 291 -8.55 -27.70 -10.73
C GLN A 291 -9.02 -26.29 -10.37
N ARG A 292 -8.64 -25.80 -9.18
CA ARG A 292 -8.99 -24.43 -8.77
C ARG A 292 -8.41 -23.44 -9.78
N LEU A 293 -7.14 -23.61 -10.15
CA LEU A 293 -6.51 -22.65 -11.05
C LEU A 293 -7.17 -22.65 -12.43
N LEU A 294 -7.51 -23.84 -12.94
CA LEU A 294 -8.15 -23.91 -14.24
C LEU A 294 -9.53 -23.25 -14.23
N ARG A 295 -10.25 -23.37 -13.11
CA ARG A 295 -11.57 -22.74 -13.01
C ARG A 295 -11.46 -21.22 -13.03
N ILE A 296 -10.48 -20.67 -12.31
CA ILE A 296 -10.30 -19.22 -12.30
C ILE A 296 -9.86 -18.73 -13.68
N GLN A 297 -8.91 -19.44 -14.30
CA GLN A 297 -8.40 -19.03 -15.60
C GLN A 297 -9.50 -19.01 -16.66
N ASP A 298 -10.50 -19.88 -16.53
CA ASP A 298 -11.58 -19.93 -17.51
C ASP A 298 -12.38 -18.63 -17.52
N ILE A 299 -12.73 -18.12 -16.34
CA ILE A 299 -13.54 -16.90 -16.25
C ILE A 299 -12.70 -15.64 -16.09
N HIS A 300 -11.42 -15.77 -15.77
CA HIS A 300 -10.56 -14.60 -15.54
C HIS A 300 -9.12 -15.00 -15.82
N PRO A 301 -8.67 -14.87 -17.06
CA PRO A 301 -7.30 -15.25 -17.41
C PRO A 301 -6.28 -14.40 -16.66
N PHE A 302 -5.28 -15.06 -16.09
CA PHE A 302 -4.28 -14.38 -15.26
C PHE A 302 -2.93 -15.09 -15.30
N ALA A 303 -2.92 -16.33 -15.79
CA ALA A 303 -1.71 -17.15 -15.75
C ALA A 303 -0.63 -16.58 -16.67
N THR A 304 0.60 -16.56 -16.16
CA THR A 304 1.74 -16.15 -16.95
C THR A 304 2.02 -17.20 -18.03
N PRO A 305 2.82 -16.87 -19.05
CA PRO A 305 3.12 -17.88 -20.09
C PRO A 305 3.76 -19.14 -19.54
N LEU A 306 4.61 -19.04 -18.51
CA LEU A 306 5.21 -20.23 -17.94
C LEU A 306 4.17 -21.05 -17.17
N MET A 307 3.25 -20.38 -16.48
CA MET A 307 2.19 -21.09 -15.78
C MET A 307 1.27 -21.82 -16.74
N GLN A 308 1.01 -21.22 -17.91
CA GLN A 308 0.14 -21.86 -18.89
C GLN A 308 0.74 -23.18 -19.38
N GLU A 309 2.06 -23.22 -19.58
CA GLU A 309 2.70 -24.47 -20.00
C GLU A 309 2.73 -25.49 -18.89
N LEU A 310 2.88 -25.05 -17.64
CA LEU A 310 2.99 -25.98 -16.52
C LEU A 310 1.64 -26.58 -16.14
N PHE A 311 0.54 -25.84 -16.33
CA PHE A 311 -0.78 -26.28 -15.89
C PHE A 311 -1.68 -26.68 -17.05
N GLY A 312 -1.14 -26.76 -18.27
CA GLY A 312 -1.90 -27.26 -19.39
C GLY A 312 -2.91 -26.30 -19.98
N ILE A 313 -2.68 -25.00 -19.84
CA ILE A 313 -3.56 -23.99 -20.43
C ILE A 313 -3.08 -23.70 -21.84
N THR A 314 -4.01 -23.71 -22.79
CA THR A 314 -3.67 -23.44 -24.18
C THR A 314 -3.63 -21.94 -24.46
N SER A 327 5.48 -32.81 -30.15
CA SER A 327 4.14 -32.54 -29.56
C SER A 327 4.31 -32.01 -28.14
N LEU A 328 4.72 -32.85 -27.19
CA LEU A 328 5.00 -32.38 -25.81
C LEU A 328 6.11 -31.33 -25.88
N THR A 329 7.11 -31.57 -26.74
CA THR A 329 8.20 -30.61 -26.98
C THR A 329 7.62 -29.32 -27.57
N GLU A 330 6.80 -29.44 -28.62
CA GLU A 330 6.27 -28.25 -29.34
C GLU A 330 5.16 -27.53 -28.55
N ARG A 331 4.61 -28.17 -27.52
CA ARG A 331 3.58 -27.48 -26.70
C ARG A 331 4.25 -26.86 -25.46
N HIS A 332 5.50 -27.23 -25.18
CA HIS A 332 6.17 -26.72 -23.96
C HIS A 332 7.50 -26.08 -24.38
N LYS A 333 7.42 -24.98 -25.12
CA LYS A 333 8.66 -24.37 -25.68
C LYS A 333 9.39 -23.50 -24.67
N ILE A 334 8.68 -22.82 -23.77
CA ILE A 334 9.38 -22.06 -22.71
C ILE A 334 10.12 -23.05 -21.82
N LEU A 335 9.44 -24.12 -21.39
CA LEU A 335 10.07 -25.16 -20.55
C LEU A 335 11.26 -25.78 -21.31
N HIS A 336 11.10 -25.99 -22.61
CA HIS A 336 12.18 -26.58 -23.44
C HIS A 336 13.42 -25.69 -23.40
N ARG A 337 13.26 -24.38 -23.63
CA ARG A 337 14.40 -23.45 -23.65
C ARG A 337 15.01 -23.40 -22.25
N LEU A 338 14.16 -23.38 -21.22
CA LEU A 338 14.65 -23.27 -19.82
C LEU A 338 15.46 -24.54 -19.46
N LEU A 339 15.13 -25.70 -20.02
CA LEU A 339 15.79 -27.01 -19.68
C LEU A 339 17.03 -27.23 -20.56
N GLN A 340 17.17 -26.49 -21.66
CA GLN A 340 18.29 -26.63 -22.65
C GLN A 340 19.13 -25.35 -22.61
N GLU A 341 18.97 -24.48 -21.62
CA GLU A 341 19.66 -23.15 -21.57
C GLU A 341 19.71 -22.56 -22.98
N GLY B 24 -32.59 36.79 11.59
CA GLY B 24 -32.22 38.10 12.18
C GLY B 24 -31.13 38.77 11.38
N LEU B 25 -30.89 38.29 10.17
CA LEU B 25 -29.81 38.85 9.32
C LEU B 25 -30.42 39.69 8.21
N THR B 26 -29.66 40.65 7.70
CA THR B 26 -30.13 41.44 6.54
C THR B 26 -30.11 40.51 5.33
N GLU B 27 -30.89 40.84 4.31
CA GLU B 27 -30.96 39.94 3.13
C GLU B 27 -29.63 40.04 2.39
N GLU B 28 -28.91 41.14 2.58
CA GLU B 28 -27.57 41.29 1.96
C GLU B 28 -26.61 40.34 2.68
N GLN B 29 -26.81 40.16 3.99
CA GLN B 29 -25.97 39.22 4.77
C GLN B 29 -26.40 37.80 4.42
N ARG B 30 -27.69 37.59 4.21
CA ARG B 30 -28.19 36.22 3.94
C ARG B 30 -27.70 35.77 2.56
N MET B 31 -27.58 36.70 1.61
CA MET B 31 -27.11 36.35 0.25
C MET B 31 -25.61 36.11 0.30
N MET B 32 -24.91 36.85 1.15
CA MET B 32 -23.45 36.69 1.31
C MET B 32 -23.18 35.27 1.80
N ILE B 33 -23.93 34.86 2.82
CA ILE B 33 -23.67 33.53 3.43
C ILE B 33 -23.95 32.46 2.38
N ARG B 34 -25.03 32.59 1.64
CA ARG B 34 -25.31 31.47 0.73
C ARG B 34 -24.48 31.55 -0.54
N GLU B 35 -23.99 32.73 -0.93
CA GLU B 35 -23.02 32.76 -2.03
C GLU B 35 -21.73 32.10 -1.60
N LEU B 36 -21.36 32.23 -0.33
CA LEU B 36 -20.11 31.61 0.18
C LEU B 36 -20.31 30.10 0.34
N MET B 37 -21.47 29.68 0.81
CA MET B 37 -21.75 28.25 1.06
C MET B 37 -21.91 27.51 -0.27
N ASP B 38 -22.51 28.16 -1.27
CA ASP B 38 -22.64 27.56 -2.62
C ASP B 38 -21.24 27.46 -3.21
N ALA B 39 -20.42 28.49 -2.99
CA ALA B 39 -19.03 28.46 -3.45
C ALA B 39 -18.30 27.28 -2.82
N GLN B 40 -18.48 27.08 -1.51
CA GLN B 40 -17.77 25.97 -0.87
C GLN B 40 -18.22 24.64 -1.44
N MET B 41 -19.53 24.47 -1.66
CA MET B 41 -20.04 23.21 -2.19
C MET B 41 -19.47 22.91 -3.58
N LYS B 42 -19.31 23.95 -4.41
CA LYS B 42 -18.87 23.76 -5.78
C LYS B 42 -17.37 23.54 -5.90
N THR B 43 -16.58 23.91 -4.88
CA THR B 43 -15.13 23.90 -5.02
C THR B 43 -14.39 23.13 -3.94
N PHE B 44 -15.09 22.52 -2.99
CA PHE B 44 -14.45 21.69 -1.96
C PHE B 44 -14.83 20.24 -2.22
N ASP B 45 -13.87 19.48 -2.75
CA ASP B 45 -14.05 18.05 -2.99
C ASP B 45 -13.78 17.31 -1.68
N THR B 46 -14.81 17.27 -0.82
CA THR B 46 -14.66 16.70 0.51
C THR B 46 -14.39 15.21 0.49
N THR B 47 -14.72 14.52 -0.59
CA THR B 47 -14.42 13.10 -0.73
C THR B 47 -13.11 12.86 -1.49
N PHE B 48 -12.52 13.90 -2.06
CA PHE B 48 -11.24 13.81 -2.77
C PHE B 48 -11.29 12.83 -3.94
N SER B 49 -12.49 12.67 -4.51
CA SER B 49 -12.69 11.68 -5.58
C SER B 49 -11.97 12.07 -6.87
N HIS B 50 -11.71 13.36 -7.09
CA HIS B 50 -11.11 13.83 -8.32
C HIS B 50 -9.62 14.07 -8.20
N PHE B 51 -9.08 13.71 -7.04
CA PHE B 51 -7.61 13.82 -6.81
C PHE B 51 -6.98 12.50 -7.23
N LYS B 52 -6.22 12.55 -8.32
CA LYS B 52 -5.59 11.33 -8.84
C LYS B 52 -4.21 11.66 -9.37
N ASN B 53 -3.48 10.64 -9.83
CA ASN B 53 -2.15 10.84 -10.44
C ASN B 53 -1.20 11.52 -9.45
N PHE B 54 -1.33 11.19 -8.16
CA PHE B 54 -0.43 11.76 -7.14
C PHE B 54 0.78 10.84 -6.94
N ARG B 55 1.91 11.43 -6.55
CA ARG B 55 3.07 10.61 -6.24
C ARG B 55 2.90 9.98 -4.88
N LEU B 56 3.53 8.83 -4.69
CA LEU B 56 3.46 8.07 -3.46
C LEU B 56 4.86 7.71 -3.03
N PRO B 57 5.08 7.47 -1.74
CA PRO B 57 6.39 6.99 -1.29
C PRO B 57 6.71 5.67 -1.98
N GLY B 58 7.94 5.53 -2.46
CA GLY B 58 8.32 4.37 -3.23
C GLY B 58 8.24 3.10 -2.41
N VAL B 59 8.19 1.98 -3.13
CA VAL B 59 8.09 0.68 -2.47
C VAL B 59 9.46 0.18 -2.03
N GLU B 77 25.89 24.70 5.11
CA GLU B 77 24.90 23.71 4.62
C GLU B 77 24.57 22.74 5.76
N ALA B 78 25.50 22.55 6.68
CA ALA B 78 25.37 21.49 7.71
C ALA B 78 24.43 21.94 8.81
N ALA B 79 24.40 23.25 9.06
CA ALA B 79 23.57 23.82 10.14
C ALA B 79 22.10 23.69 9.74
N LYS B 80 21.86 23.91 8.45
CA LYS B 80 20.51 23.84 7.85
C LYS B 80 19.83 22.53 8.26
N TRP B 81 20.47 21.38 8.02
CA TRP B 81 19.79 20.08 8.22
C TRP B 81 19.15 20.01 9.61
N SER B 82 19.84 20.47 10.64
CA SER B 82 19.27 20.32 12.00
C SER B 82 17.89 20.99 12.05
N GLN B 83 17.78 22.18 11.49
CA GLN B 83 16.50 22.92 11.46
C GLN B 83 15.49 22.14 10.60
N VAL B 84 15.88 21.72 9.40
CA VAL B 84 14.94 21.03 8.48
C VAL B 84 14.43 19.75 9.14
N ARG B 85 15.31 19.00 9.81
CA ARG B 85 14.90 17.71 10.41
C ARG B 85 13.87 17.99 11.50
N LYS B 86 14.05 19.09 12.22
CA LYS B 86 13.06 19.51 13.24
C LYS B 86 11.75 19.90 12.55
N ASP B 87 11.83 20.65 11.43
CA ASP B 87 10.61 21.10 10.78
C ASP B 87 9.76 19.94 10.29
N LEU B 88 10.39 18.82 9.90
CA LEU B 88 9.63 17.71 9.34
C LEU B 88 9.26 16.65 10.37
N CYS B 89 9.99 16.56 11.48
CA CYS B 89 9.69 15.52 12.47
C CYS B 89 8.42 15.84 13.24
N SER B 90 8.14 17.13 13.48
CA SER B 90 6.92 17.53 14.15
C SER B 90 5.66 17.18 13.35
N LEU B 91 5.80 16.84 12.07
CA LEU B 91 4.68 16.51 11.20
C LEU B 91 4.90 15.11 10.63
N LYS B 92 4.82 14.10 11.50
CA LYS B 92 5.06 12.70 11.15
C LYS B 92 3.71 12.00 11.04
N VAL B 93 3.26 11.78 9.80
CA VAL B 93 1.96 11.17 9.56
C VAL B 93 2.13 9.87 8.79
N SER B 94 1.18 8.97 9.02
CA SER B 94 1.09 7.71 8.25
C SER B 94 -0.02 7.91 7.20
N LEU B 95 0.05 7.21 6.07
CA LEU B 95 -0.94 7.40 4.98
C LEU B 95 -1.77 6.14 4.78
N GLN B 96 -3.09 6.28 4.72
CA GLN B 96 -3.98 5.15 4.41
C GLN B 96 -4.68 5.45 3.09
N LEU B 97 -4.56 4.58 2.09
CA LEU B 97 -5.24 4.75 0.78
C LEU B 97 -6.26 3.64 0.62
N ARG B 98 -7.54 3.99 0.70
CA ARG B 98 -8.62 2.98 0.59
C ARG B 98 -9.08 2.88 -0.86
N GLY B 99 -9.44 1.67 -1.27
CA GLY B 99 -9.90 1.45 -2.65
C GLY B 99 -11.38 1.24 -2.69
N GLU B 100 -12.01 1.64 -3.79
CA GLU B 100 -13.47 1.47 -3.96
C GLU B 100 -13.83 0.01 -3.70
N ASP B 101 -12.91 -0.93 -3.98
CA ASP B 101 -13.18 -2.38 -3.83
C ASP B 101 -13.31 -2.77 -2.36
N GLY B 102 -12.75 -1.97 -1.46
CA GLY B 102 -12.74 -2.33 -0.03
C GLY B 102 -11.32 -2.62 0.44
N SER B 103 -10.34 -2.65 -0.46
CA SER B 103 -8.97 -2.87 -0.06
C SER B 103 -8.38 -1.62 0.58
N VAL B 104 -7.34 -1.82 1.38
CA VAL B 104 -6.68 -0.74 2.11
C VAL B 104 -5.17 -0.89 1.96
N TRP B 105 -4.52 0.17 1.49
CA TRP B 105 -3.07 0.29 1.50
C TRP B 105 -2.67 1.21 2.65
N ASN B 106 -1.65 0.82 3.41
CA ASN B 106 -1.19 1.59 4.55
C ASN B 106 0.32 1.81 4.45
N TYR B 107 0.74 3.03 4.74
CA TYR B 107 2.18 3.40 4.68
C TYR B 107 2.65 3.97 6.01
N LYS B 108 3.47 3.23 6.74
CA LYS B 108 4.08 3.76 7.97
C LYS B 108 5.39 4.39 7.51
N PRO B 109 5.74 5.62 7.96
CA PRO B 109 6.94 6.27 7.47
C PRO B 109 8.22 5.72 8.10
N PRO B 110 9.38 5.94 7.46
CA PRO B 110 10.64 5.50 8.03
C PRO B 110 11.02 6.35 9.25
N ALA B 111 11.52 5.70 10.30
CA ALA B 111 12.01 6.44 11.48
C ALA B 111 13.24 7.28 11.11
N ASP B 112 13.59 8.26 11.95
CA ASP B 112 14.71 9.15 11.58
C ASP B 112 16.01 8.41 11.79
N SER B 113 16.72 8.15 10.70
CA SER B 113 18.01 7.43 10.75
C SER B 113 19.05 8.33 10.08
N GLY B 114 18.79 9.63 10.06
CA GLY B 114 19.68 10.52 9.30
C GLY B 114 18.90 11.32 8.30
N GLY B 115 19.09 11.06 7.01
CA GLY B 115 18.43 11.94 6.02
C GLY B 115 18.00 11.30 4.71
N LYS B 116 17.33 12.08 3.86
CA LYS B 116 16.79 11.63 2.55
C LYS B 116 15.60 10.69 2.80
N GLU B 117 15.50 10.14 4.02
CA GLU B 117 14.34 9.30 4.39
C GLU B 117 13.27 10.20 5.00
N ILE B 118 13.65 11.39 5.44
CA ILE B 118 12.70 12.38 6.00
C ILE B 118 11.88 13.02 4.88
N PHE B 119 12.33 12.90 3.63
CA PHE B 119 11.66 13.55 2.48
C PHE B 119 10.80 12.56 1.71
N SER B 120 10.50 11.40 2.29
CA SER B 120 9.73 10.34 1.60
C SER B 120 8.32 10.80 1.25
N LEU B 121 7.66 11.53 2.14
CA LEU B 121 6.25 11.92 1.90
C LEU B 121 6.15 13.30 1.26
N LEU B 122 7.28 13.95 1.04
CA LEU B 122 7.22 15.30 0.48
C LEU B 122 6.62 15.35 -0.92
N PRO B 123 6.97 14.47 -1.87
CA PRO B 123 6.30 14.53 -3.18
C PRO B 123 4.80 14.37 -3.12
N HIS B 124 4.31 13.43 -2.32
CA HIS B 124 2.87 13.26 -2.16
C HIS B 124 2.25 14.50 -1.52
N MET B 125 2.89 15.03 -0.48
CA MET B 125 2.34 16.20 0.21
C MET B 125 2.25 17.40 -0.74
N ALA B 126 3.23 17.55 -1.64
CA ALA B 126 3.17 18.63 -2.61
C ALA B 126 2.06 18.43 -3.63
N ASP B 127 1.77 17.18 -3.96
CA ASP B 127 0.66 16.89 -4.90
C ASP B 127 -0.69 17.18 -4.23
N MET B 128 -0.84 16.84 -2.95
CA MET B 128 -2.13 17.04 -2.25
C MET B 128 -2.34 18.54 -2.02
N SER B 129 -1.28 19.24 -1.64
CA SER B 129 -1.37 20.68 -1.35
C SER B 129 -1.72 21.42 -2.63
N THR B 130 -1.09 21.06 -3.75
CA THR B 130 -1.43 21.71 -5.00
C THR B 130 -2.89 21.49 -5.36
N TYR B 131 -3.39 20.27 -5.15
CA TYR B 131 -4.80 19.98 -5.41
C TYR B 131 -5.70 20.86 -4.55
N MET B 132 -5.37 21.02 -3.26
CA MET B 132 -6.17 21.87 -2.39
C MET B 132 -6.07 23.33 -2.80
N PHE B 133 -4.87 23.77 -3.20
CA PHE B 133 -4.71 25.16 -3.63
C PHE B 133 -5.59 25.46 -4.84
N LYS B 134 -5.71 24.51 -5.76
CA LYS B 134 -6.57 24.70 -6.92
C LYS B 134 -8.04 24.84 -6.51
N GLY B 135 -8.46 24.05 -5.52
CA GLY B 135 -9.82 24.19 -5.01
C GLY B 135 -10.03 25.52 -4.32
N ILE B 136 -9.00 26.02 -3.63
CA ILE B 136 -9.10 27.33 -3.00
C ILE B 136 -9.20 28.43 -4.05
N ILE B 137 -8.42 28.30 -5.14
CA ILE B 137 -8.48 29.29 -6.21
C ILE B 137 -9.85 29.30 -6.85
N SER B 138 -10.41 28.12 -7.12
CA SER B 138 -11.76 28.05 -7.68
C SER B 138 -12.79 28.62 -6.72
N PHE B 139 -12.58 28.44 -5.41
CA PHE B 139 -13.48 29.01 -4.42
C PHE B 139 -13.55 30.53 -4.55
N ALA B 140 -12.39 31.18 -4.62
CA ALA B 140 -12.36 32.63 -4.74
C ALA B 140 -12.93 33.10 -6.07
N LYS B 141 -12.75 32.32 -7.14
CA LYS B 141 -13.16 32.78 -8.47
C LYS B 141 -14.66 32.94 -8.57
N VAL B 142 -15.44 32.08 -7.91
CA VAL B 142 -16.89 32.13 -8.02
C VAL B 142 -17.52 33.13 -7.05
N ILE B 143 -16.75 33.72 -6.15
CA ILE B 143 -17.26 34.76 -5.27
C ILE B 143 -17.27 36.08 -6.03
N SER B 144 -18.44 36.72 -6.11
CA SER B 144 -18.59 37.93 -6.91
C SER B 144 -17.63 39.02 -6.44
N TYR B 145 -17.55 39.24 -5.13
CA TYR B 145 -16.70 40.30 -4.60
C TYR B 145 -15.23 40.09 -4.94
N PHE B 146 -14.80 38.85 -5.17
CA PHE B 146 -13.40 38.60 -5.48
C PHE B 146 -13.08 38.73 -6.96
N ARG B 147 -13.96 38.24 -7.84
CA ARG B 147 -13.69 38.34 -9.27
C ARG B 147 -13.79 39.77 -9.77
N ASP B 148 -14.56 40.62 -9.10
CA ASP B 148 -14.70 42.03 -9.47
C ASP B 148 -13.52 42.87 -9.01
N LEU B 149 -12.44 42.23 -8.61
CA LEU B 149 -11.25 42.95 -8.14
C LEU B 149 -10.19 42.91 -9.23
N PRO B 150 -9.21 43.84 -9.22
CA PRO B 150 -8.12 43.77 -10.17
C PRO B 150 -7.41 42.41 -10.12
N ILE B 151 -6.96 41.90 -11.26
CA ILE B 151 -6.33 40.56 -11.34
C ILE B 151 -5.05 40.51 -10.51
N GLU B 152 -4.40 41.65 -10.31
CA GLU B 152 -3.13 41.68 -9.55
C GLU B 152 -3.46 41.60 -8.06
N ASP B 153 -4.57 42.19 -7.66
CA ASP B 153 -5.02 42.10 -6.26
C ASP B 153 -5.58 40.70 -5.99
N GLN B 154 -6.17 40.07 -7.01
CA GLN B 154 -6.66 38.68 -6.90
C GLN B 154 -5.45 37.76 -6.69
N ILE B 155 -4.35 38.02 -7.39
CA ILE B 155 -3.11 37.22 -7.21
C ILE B 155 -2.53 37.50 -5.82
N SER B 156 -2.53 38.75 -5.39
CA SER B 156 -1.93 39.07 -4.09
C SER B 156 -2.73 38.47 -2.94
N LEU B 157 -4.06 38.47 -3.05
CA LEU B 157 -4.88 37.88 -1.99
C LEU B 157 -4.72 36.37 -1.92
N LEU B 158 -4.60 35.73 -3.08
CA LEU B 158 -4.50 34.26 -3.08
C LEU B 158 -3.10 33.82 -2.60
N LYS B 159 -2.08 34.63 -2.84
CA LYS B 159 -0.71 34.31 -2.39
C LYS B 159 -0.62 34.40 -0.87
N GLY B 160 -1.41 35.28 -0.28
CA GLY B 160 -1.33 35.46 1.18
C GLY B 160 -2.28 34.59 1.97
N ALA B 161 -3.31 34.05 1.32
CA ALA B 161 -4.34 33.30 2.08
C ALA B 161 -4.42 31.83 1.67
N ALA B 162 -3.68 31.39 0.65
CA ALA B 162 -3.81 30.01 0.15
C ALA B 162 -3.59 29.00 1.26
N PHE B 163 -2.48 29.13 1.98
CA PHE B 163 -2.23 28.20 3.07
C PHE B 163 -3.31 28.28 4.14
N GLU B 164 -3.76 29.50 4.45
CA GLU B 164 -4.71 29.69 5.55
C GLU B 164 -6.06 29.05 5.22
N LEU B 165 -6.57 29.29 4.01
CA LEU B 165 -7.83 28.68 3.62
C LEU B 165 -7.71 27.17 3.50
N CYS B 166 -6.53 26.67 3.15
N CYS B 166 -6.52 26.67 3.16
CA CYS B 166 -6.34 25.23 3.08
CA CYS B 166 -6.31 25.23 3.08
C CYS B 166 -6.38 24.59 4.46
C CYS B 166 -6.37 24.59 4.46
N GLN B 167 -5.88 25.29 5.49
CA GLN B 167 -5.94 24.76 6.84
C GLN B 167 -7.37 24.76 7.35
N LEU B 168 -8.15 25.81 7.03
CA LEU B 168 -9.53 25.87 7.47
C LEU B 168 -10.36 24.74 6.87
N ARG B 169 -10.12 24.43 5.59
CA ARG B 169 -10.83 23.32 4.97
C ARG B 169 -10.40 21.98 5.55
N PHE B 170 -9.10 21.84 5.85
CA PHE B 170 -8.60 20.59 6.42
C PHE B 170 -9.13 20.38 7.84
N ASN B 171 -9.39 21.45 8.57
CA ASN B 171 -9.93 21.30 9.93
C ASN B 171 -11.30 20.63 9.91
N THR B 172 -12.08 20.86 8.85
CA THR B 172 -13.42 20.30 8.78
C THR B 172 -13.41 18.79 8.55
N VAL B 173 -12.29 18.22 8.09
CA VAL B 173 -12.14 16.78 7.94
C VAL B 173 -11.19 16.21 8.99
N PHE B 174 -10.80 17.00 9.97
CA PHE B 174 -9.90 16.54 11.03
C PHE B 174 -10.68 15.82 12.11
N ASN B 175 -10.21 14.63 12.48
CA ASN B 175 -10.79 13.86 13.58
C ASN B 175 -9.86 14.03 14.79
N ALA B 176 -10.33 14.81 15.77
CA ALA B 176 -9.50 15.10 16.94
C ALA B 176 -9.36 13.89 17.85
N GLU B 177 -10.33 12.98 17.83
CA GLU B 177 -10.27 11.82 18.71
C GLU B 177 -9.22 10.81 18.24
N THR B 178 -8.98 10.74 16.93
CA THR B 178 -8.00 9.82 16.37
C THR B 178 -6.79 10.53 15.78
N GLY B 179 -6.77 11.86 15.81
CA GLY B 179 -5.65 12.60 15.22
C GLY B 179 -5.47 12.33 13.75
N THR B 180 -6.58 12.23 13.01
CA THR B 180 -6.54 11.79 11.62
C THR B 180 -7.33 12.76 10.76
N TRP B 181 -6.73 13.19 9.64
CA TRP B 181 -7.44 13.93 8.61
C TRP B 181 -8.05 12.91 7.66
N GLU B 182 -9.37 12.82 7.67
CA GLU B 182 -10.11 11.85 6.82
C GLU B 182 -10.48 12.52 5.50
N CYS B 183 -9.65 12.29 4.48
CA CYS B 183 -9.83 12.95 3.17
C CYS B 183 -10.35 11.93 2.15
N GLY B 184 -11.53 11.37 2.42
CA GLY B 184 -12.16 10.40 1.51
C GLY B 184 -11.50 9.05 1.58
N ARG B 185 -10.74 8.69 0.55
CA ARG B 185 -10.00 7.41 0.54
C ARG B 185 -8.67 7.61 1.22
N LEU B 186 -8.07 8.78 1.02
CA LEU B 186 -6.79 9.11 1.71
C LEU B 186 -7.05 9.50 3.17
N SER B 187 -6.32 8.90 4.10
CA SER B 187 -6.40 9.30 5.52
C SER B 187 -4.98 9.59 6.01
N TYR B 188 -4.80 10.68 6.75
CA TYR B 188 -3.46 11.07 7.27
C TYR B 188 -3.52 10.97 8.79
N CYS B 189 -2.82 10.00 9.37
CA CYS B 189 -2.89 9.74 10.83
C CYS B 189 -1.58 10.17 11.49
N LEU B 190 -1.68 10.99 12.53
CA LEU B 190 -0.47 11.43 13.28
C LEU B 190 0.17 10.22 13.98
N GLU B 191 1.50 10.11 13.89
CA GLU B 191 2.22 8.95 14.48
C GLU B 191 2.33 9.12 16.00
N ASP B 192 2.01 8.07 16.76
CA ASP B 192 2.01 8.15 18.24
C ASP B 192 3.42 8.46 18.78
N THR B 193 3.51 9.37 19.76
CA THR B 193 4.82 9.78 20.33
C THR B 193 4.85 9.52 21.84
N ALA B 194 6.05 9.40 22.41
CA ALA B 194 6.19 9.20 23.87
C ALA B 194 5.83 10.49 24.61
N GLY B 195 6.01 11.65 23.98
CA GLY B 195 5.56 12.92 24.59
C GLY B 195 4.09 12.81 24.95
N GLY B 196 3.26 12.32 24.02
CA GLY B 196 1.83 12.09 24.32
C GLY B 196 1.02 13.37 24.39
N PHE B 197 0.47 13.81 23.27
CA PHE B 197 -0.35 15.05 23.19
C PHE B 197 0.51 16.28 23.44
N GLN B 198 1.15 16.38 24.60
CA GLN B 198 2.00 17.55 24.94
C GLN B 198 3.01 17.80 23.83
N GLN B 199 3.71 16.75 23.39
CA GLN B 199 4.72 16.87 22.32
C GLN B 199 4.09 17.38 21.03
N LEU B 200 2.94 16.82 20.63
CA LEU B 200 2.25 17.24 19.39
C LEU B 200 1.75 18.68 19.54
N LEU B 201 1.29 19.07 20.73
CA LEU B 201 0.70 20.41 20.93
C LEU B 201 1.80 21.46 20.94
N LEU B 202 3.06 21.04 20.99
CA LEU B 202 4.15 22.03 20.86
C LEU B 202 4.23 22.45 19.40
N GLU B 203 3.66 21.65 18.48
CA GLU B 203 3.61 22.08 17.07
C GLU B 203 2.41 23.01 16.95
N PRO B 204 2.62 24.28 16.54
CA PRO B 204 1.52 25.25 16.46
C PRO B 204 0.42 24.90 15.46
N MET B 205 0.77 24.34 14.31
CA MET B 205 -0.22 23.94 13.29
C MET B 205 -1.15 22.86 13.85
N LEU B 206 -0.62 21.97 14.71
CA LEU B 206 -1.44 20.90 15.33
C LEU B 206 -2.33 21.48 16.42
N LYS B 207 -1.81 22.38 17.25
CA LYS B 207 -2.66 22.89 18.36
C LYS B 207 -3.76 23.77 17.75
N PHE B 208 -3.47 24.52 16.68
CA PHE B 208 -4.55 25.27 15.99
C PHE B 208 -5.67 24.31 15.61
N HIS B 209 -5.31 23.18 15.00
CA HIS B 209 -6.32 22.19 14.55
C HIS B 209 -7.17 21.71 15.72
N TYR B 210 -6.55 21.36 16.85
CA TYR B 210 -7.29 20.82 18.02
C TYR B 210 -8.16 21.91 18.65
N MET B 211 -7.68 23.16 18.69
CA MET B 211 -8.42 24.26 19.32
C MET B 211 -9.59 24.71 18.43
N LEU B 212 -9.37 24.79 17.12
CA LEU B 212 -10.44 25.17 16.18
C LEU B 212 -11.50 24.09 16.19
N LYS B 213 -11.07 22.84 16.25
CA LYS B 213 -12.05 21.76 16.31
C LYS B 213 -12.89 21.84 17.57
N LYS B 214 -12.31 22.31 18.68
CA LYS B 214 -13.04 22.39 19.94
C LYS B 214 -14.18 23.40 19.89
N LEU B 215 -14.09 24.40 19.02
CA LEU B 215 -15.15 25.39 18.91
C LEU B 215 -16.41 24.84 18.28
N GLN B 216 -16.32 23.68 17.62
CA GLN B 216 -17.47 23.01 16.99
C GLN B 216 -18.24 23.97 16.09
N LEU B 217 -17.53 24.52 15.11
CA LEU B 217 -18.09 25.53 14.24
C LEU B 217 -19.05 24.93 13.22
N HIS B 218 -19.98 25.75 12.76
CA HIS B 218 -20.85 25.37 11.66
C HIS B 218 -20.15 25.59 10.33
N GLU B 219 -20.71 24.98 9.28
CA GLU B 219 -20.20 25.19 7.93
C GLU B 219 -20.19 26.68 7.58
N GLU B 220 -21.22 27.40 7.99
CA GLU B 220 -21.34 28.84 7.67
C GLU B 220 -20.20 29.63 8.32
N GLU B 221 -19.80 29.24 9.52
CA GLU B 221 -18.75 29.97 10.27
C GLU B 221 -17.37 29.68 9.65
N TYR B 222 -17.15 28.45 9.17
CA TYR B 222 -15.87 28.12 8.51
C TYR B 222 -15.74 28.89 7.20
N VAL B 223 -16.84 29.04 6.45
CA VAL B 223 -16.77 29.69 5.12
C VAL B 223 -16.65 31.21 5.31
N LEU B 224 -17.18 31.74 6.42
CA LEU B 224 -17.00 33.17 6.73
C LEU B 224 -15.56 33.37 7.19
N MET B 225 -14.97 32.42 7.91
CA MET B 225 -13.54 32.53 8.26
C MET B 225 -12.72 32.52 6.96
N GLN B 226 -13.11 31.69 5.99
CA GLN B 226 -12.39 31.66 4.72
C GLN B 226 -12.47 33.00 4.01
N ALA B 227 -13.64 33.63 4.04
CA ALA B 227 -13.80 34.93 3.39
C ALA B 227 -13.02 36.02 4.10
N ILE B 228 -13.04 36.02 5.43
CA ILE B 228 -12.31 37.03 6.19
C ILE B 228 -10.82 36.91 5.94
N SER B 229 -10.31 35.68 5.90
CA SER B 229 -8.88 35.48 5.63
C SER B 229 -8.52 35.84 4.20
N LEU B 230 -9.40 35.51 3.25
CA LEU B 230 -9.11 35.78 1.85
C LEU B 230 -9.04 37.28 1.57
N PHE B 231 -10.03 38.03 2.05
CA PHE B 231 -10.09 39.47 1.83
C PHE B 231 -9.31 40.22 2.91
N SER B 232 -8.02 39.91 2.99
CA SER B 232 -7.14 40.57 3.94
C SER B 232 -6.50 41.79 3.29
N PRO B 233 -6.74 43.01 3.79
CA PRO B 233 -6.24 44.20 3.08
C PRO B 233 -4.74 44.41 3.21
N ASP B 234 -4.13 43.84 4.23
CA ASP B 234 -2.71 44.11 4.53
C ASP B 234 -1.80 42.99 4.05
N ARG B 235 -2.17 42.32 2.97
CA ARG B 235 -1.28 41.27 2.42
C ARG B 235 -0.30 41.91 1.45
N PRO B 236 0.92 41.38 1.33
CA PRO B 236 1.88 41.92 0.40
C PRO B 236 1.37 42.04 -1.03
N GLY B 237 1.49 43.22 -1.64
CA GLY B 237 1.13 43.41 -3.05
C GLY B 237 -0.22 44.06 -3.27
N VAL B 238 -1.10 43.99 -2.29
CA VAL B 238 -2.45 44.51 -2.45
C VAL B 238 -2.39 46.00 -2.72
N LEU B 239 -3.18 46.46 -3.69
CA LEU B 239 -3.27 47.88 -4.04
C LEU B 239 -4.56 48.52 -3.59
N GLN B 240 -5.69 47.83 -3.80
CA GLN B 240 -7.00 48.36 -3.39
C GLN B 240 -7.22 48.05 -1.91
N HIS B 241 -6.34 48.52 -1.04
CA HIS B 241 -6.44 48.30 0.42
C HIS B 241 -7.84 48.61 0.94
N ARG B 242 -8.34 49.83 0.73
CA ARG B 242 -9.65 50.25 1.28
C ARG B 242 -10.77 49.36 0.77
N VAL B 243 -10.82 49.09 -0.54
CA VAL B 243 -11.85 48.19 -1.12
C VAL B 243 -11.81 46.85 -0.38
N VAL B 244 -10.62 46.27 -0.21
CA VAL B 244 -10.53 44.97 0.44
C VAL B 244 -10.88 45.09 1.91
N ASP B 245 -10.40 46.15 2.56
CA ASP B 245 -10.71 46.35 3.98
C ASP B 245 -12.21 46.49 4.21
N GLN B 246 -12.90 47.20 3.31
CA GLN B 246 -14.35 47.34 3.45
C GLN B 246 -15.05 46.01 3.23
N LEU B 247 -14.55 45.20 2.30
CA LEU B 247 -15.11 43.87 2.10
C LEU B 247 -14.90 42.98 3.32
N GLN B 248 -13.71 43.04 3.92
CA GLN B 248 -13.43 42.22 5.10
C GLN B 248 -14.34 42.59 6.27
N GLU B 249 -14.61 43.88 6.45
CA GLU B 249 -15.45 44.31 7.56
C GLU B 249 -16.87 43.75 7.43
N GLN B 250 -17.41 43.75 6.21
CA GLN B 250 -18.77 43.23 6.01
C GLN B 250 -18.84 41.74 6.29
N PHE B 251 -17.82 40.99 5.89
CA PHE B 251 -17.80 39.56 6.20
C PHE B 251 -17.70 39.32 7.69
N ALA B 252 -16.88 40.10 8.40
CA ALA B 252 -16.77 39.95 9.84
C ALA B 252 -18.07 40.34 10.54
N ILE B 253 -18.73 41.39 10.05
CA ILE B 253 -20.02 41.78 10.63
C ILE B 253 -21.06 40.70 10.39
N THR B 254 -21.05 40.10 9.19
CA THR B 254 -21.98 39.01 8.90
C THR B 254 -21.75 37.83 9.82
N LEU B 255 -20.49 37.49 10.10
CA LEU B 255 -20.20 36.37 11.00
C LEU B 255 -20.66 36.68 12.41
N LYS B 256 -20.42 37.90 12.90
CA LYS B 256 -20.89 38.27 14.23
C LYS B 256 -22.41 38.21 14.31
N SER B 257 -23.10 38.62 13.24
CA SER B 257 -24.56 38.59 13.24
C SER B 257 -25.08 37.17 13.12
N TYR B 258 -24.40 36.32 12.35
CA TYR B 258 -24.80 34.92 12.25
C TYR B 258 -24.72 34.22 13.60
N ILE B 259 -23.62 34.44 14.34
CA ILE B 259 -23.44 33.79 15.63
C ILE B 259 -24.50 34.24 16.61
N GLU B 260 -24.85 35.52 16.59
CA GLU B 260 -25.86 36.04 17.50
C GLU B 260 -27.23 35.43 17.24
N CYS B 261 -27.49 34.99 16.00
CA CYS B 261 -28.80 34.48 15.64
C CYS B 261 -28.92 32.97 15.78
N ASN B 262 -27.82 32.25 16.02
CA ASN B 262 -27.93 30.76 15.98
C ASN B 262 -27.19 30.07 17.13
N ARG B 263 -26.50 30.80 18.00
CA ARG B 263 -25.68 30.13 19.05
C ARG B 263 -25.82 30.83 20.41
N PRO B 264 -26.93 30.64 21.16
CA PRO B 264 -27.14 31.35 22.42
C PRO B 264 -26.68 30.61 23.69
N GLN B 265 -25.93 29.54 23.52
CA GLN B 265 -25.53 28.71 24.68
C GLN B 265 -24.28 29.28 25.34
N PRO B 266 -24.10 29.05 26.66
CA PRO B 266 -22.94 29.56 27.38
C PRO B 266 -21.64 29.01 26.79
N ALA B 267 -21.76 27.85 26.14
CA ALA B 267 -20.59 27.21 25.52
C ALA B 267 -20.07 28.09 24.38
N HIS B 268 -20.94 28.91 23.80
CA HIS B 268 -20.55 29.70 22.61
C HIS B 268 -20.43 31.16 23.01
N ARG B 269 -20.19 31.43 24.28
CA ARG B 269 -19.99 32.81 24.68
C ARG B 269 -18.65 33.31 24.14
N PHE B 270 -18.65 34.54 23.63
CA PHE B 270 -17.45 35.15 23.04
C PHE B 270 -16.94 34.38 21.82
N LEU B 271 -17.82 33.60 21.17
CA LEU B 271 -17.37 32.77 20.05
C LEU B 271 -16.81 33.62 18.91
N PHE B 272 -17.45 34.75 18.61
CA PHE B 272 -16.96 35.59 17.53
C PHE B 272 -15.54 36.07 17.81
N LEU B 273 -15.27 36.51 19.05
CA LEU B 273 -13.92 36.98 19.37
C LEU B 273 -12.92 35.84 19.40
N LYS B 274 -13.34 34.63 19.79
CA LYS B 274 -12.45 33.48 19.72
C LYS B 274 -12.07 33.17 18.28
N ILE B 275 -13.04 33.20 17.37
CA ILE B 275 -12.77 32.95 15.96
C ILE B 275 -11.81 34.01 15.42
N MET B 276 -12.04 35.28 15.75
CA MET B 276 -11.15 36.34 15.28
C MET B 276 -9.74 36.15 15.82
N ALA B 277 -9.62 35.71 17.08
CA ALA B 277 -8.31 35.41 17.63
C ALA B 277 -7.68 34.20 16.95
N MET B 278 -8.51 33.21 16.58
CA MET B 278 -8.00 32.06 15.85
C MET B 278 -7.47 32.47 14.48
N LEU B 279 -8.15 33.40 13.82
CA LEU B 279 -7.68 33.87 12.51
C LEU B 279 -6.36 34.63 12.64
N THR B 280 -6.17 35.35 13.73
CA THR B 280 -4.88 36.03 13.96
C THR B 280 -3.76 35.02 14.16
N GLU B 281 -4.02 33.96 14.92
CA GLU B 281 -3.03 32.91 15.11
C GLU B 281 -2.73 32.20 13.79
N LEU B 282 -3.75 31.99 12.96
CA LEU B 282 -3.53 31.34 11.67
C LEU B 282 -2.60 32.16 10.78
N ARG B 283 -2.72 33.48 10.83
CA ARG B 283 -1.83 34.33 10.06
C ARG B 283 -0.38 34.19 10.54
N SER B 284 -0.19 34.01 11.85
CA SER B 284 1.15 33.78 12.37
C SER B 284 1.70 32.43 11.93
N ILE B 285 0.87 31.39 12.00
CA ILE B 285 1.29 30.06 11.54
C ILE B 285 1.61 30.09 10.05
N ASN B 286 0.85 30.86 9.27
CA ASN B 286 1.12 30.98 7.85
C ASN B 286 2.53 31.53 7.59
N ALA B 287 2.94 32.54 8.36
CA ALA B 287 4.28 33.09 8.19
C ALA B 287 5.34 32.07 8.57
N GLN B 288 5.11 31.31 9.64
CA GLN B 288 6.04 30.25 10.01
C GLN B 288 6.14 29.18 8.92
N HIS B 289 4.99 28.78 8.36
CA HIS B 289 4.99 27.72 7.36
C HIS B 289 5.76 28.13 6.11
N THR B 290 5.63 29.40 5.71
CA THR B 290 6.39 29.89 4.55
C THR B 290 7.88 29.78 4.79
N GLN B 291 8.33 30.11 6.00
CA GLN B 291 9.75 30.01 6.32
C GLN B 291 10.22 28.56 6.35
N ARG B 292 9.40 27.67 6.90
CA ARG B 292 9.74 26.25 6.89
C ARG B 292 9.85 25.70 5.47
N LEU B 293 8.89 26.06 4.61
CA LEU B 293 8.88 25.54 3.25
C LEU B 293 10.10 26.01 2.47
N LEU B 294 10.48 27.28 2.63
CA LEU B 294 11.65 27.78 1.93
C LEU B 294 12.92 27.10 2.41
N ARG B 295 12.97 26.75 3.69
CA ARG B 295 14.18 26.11 4.25
C ARG B 295 14.32 24.70 3.69
N ILE B 296 13.21 23.99 3.55
CA ILE B 296 13.25 22.60 3.01
C ILE B 296 13.56 22.67 1.51
N GLN B 297 12.95 23.62 0.80
CA GLN B 297 13.16 23.70 -0.67
C GLN B 297 14.63 23.98 -0.98
N ASP B 298 15.30 24.77 -0.14
CA ASP B 298 16.72 25.14 -0.37
C ASP B 298 17.60 23.89 -0.33
N ILE B 299 17.34 22.99 0.63
CA ILE B 299 18.17 21.76 0.79
C ILE B 299 17.56 20.59 0.01
N HIS B 300 16.27 20.64 -0.33
CA HIS B 300 15.60 19.52 -1.06
C HIS B 300 14.44 20.09 -1.89
N PRO B 301 14.67 20.51 -3.15
CA PRO B 301 13.60 21.01 -4.00
C PRO B 301 12.44 20.01 -4.15
N PHE B 302 11.20 20.43 -3.86
CA PHE B 302 10.05 19.49 -3.90
C PHE B 302 8.78 20.23 -4.34
N ALA B 303 8.81 21.56 -4.31
CA ALA B 303 7.59 22.34 -4.60
C ALA B 303 7.11 22.17 -6.04
N THR B 304 5.80 22.08 -6.23
CA THR B 304 5.22 22.03 -7.58
C THR B 304 5.27 23.43 -8.19
N PRO B 305 5.13 23.59 -9.51
CA PRO B 305 5.14 24.94 -10.10
C PRO B 305 4.11 25.88 -9.51
N LEU B 306 2.93 25.39 -9.12
CA LEU B 306 1.93 26.27 -8.53
C LEU B 306 2.35 26.72 -7.13
N MET B 307 2.97 25.84 -6.35
CA MET B 307 3.45 26.23 -5.03
C MET B 307 4.57 27.25 -5.14
N GLN B 308 5.43 27.12 -6.16
CA GLN B 308 6.50 28.10 -6.35
C GLN B 308 5.95 29.49 -6.60
N GLU B 309 4.86 29.59 -7.37
CA GLU B 309 4.25 30.89 -7.64
C GLU B 309 3.57 31.45 -6.39
N LEU B 310 2.97 30.58 -5.57
CA LEU B 310 2.23 31.04 -4.41
C LEU B 310 3.16 31.47 -3.27
N PHE B 311 4.33 30.84 -3.16
CA PHE B 311 5.23 31.08 -2.04
C PHE B 311 6.48 31.85 -2.44
N GLY B 312 6.55 32.34 -3.67
CA GLY B 312 7.65 33.21 -4.06
C GLY B 312 8.97 32.52 -4.32
N ILE B 313 8.96 31.26 -4.72
CA ILE B 313 10.20 30.55 -5.02
C ILE B 313 10.60 30.79 -6.46
N SER B 327 6.08 42.66 -13.32
CA SER B 327 4.80 42.09 -13.81
C SER B 327 4.44 40.86 -12.97
N LEU B 328 3.51 41.02 -12.04
CA LEU B 328 2.96 39.91 -11.23
C LEU B 328 2.41 38.85 -12.18
N THR B 329 1.51 39.25 -13.07
CA THR B 329 0.85 38.27 -13.97
C THR B 329 1.93 37.47 -14.69
N GLU B 330 3.04 38.11 -15.04
CA GLU B 330 4.14 37.44 -15.83
C GLU B 330 4.83 36.41 -14.91
N ARG B 331 5.12 36.77 -13.66
CA ARG B 331 5.79 35.89 -12.68
C ARG B 331 4.81 34.80 -12.21
N HIS B 332 3.51 35.07 -12.28
CA HIS B 332 2.50 34.10 -11.80
C HIS B 332 1.61 33.67 -12.97
N LYS B 333 2.19 33.00 -13.97
CA LYS B 333 1.47 32.63 -15.20
C LYS B 333 0.38 31.60 -14.92
N ILE B 334 0.69 30.56 -14.13
CA ILE B 334 -0.33 29.53 -13.78
C ILE B 334 -1.49 30.21 -13.04
N LEU B 335 -1.19 31.03 -12.04
CA LEU B 335 -2.25 31.74 -11.34
C LEU B 335 -3.04 32.64 -12.28
N HIS B 336 -2.35 33.31 -13.19
CA HIS B 336 -3.02 34.18 -14.16
C HIS B 336 -3.94 33.37 -15.06
N ARG B 337 -3.47 32.23 -15.55
CA ARG B 337 -4.30 31.37 -16.40
C ARG B 337 -5.50 30.83 -15.62
N LEU B 338 -5.27 30.35 -14.41
CA LEU B 338 -6.37 29.75 -13.61
C LEU B 338 -7.45 30.80 -13.33
N LEU B 339 -7.07 32.05 -13.13
CA LEU B 339 -8.05 33.10 -12.75
C LEU B 339 -8.82 33.62 -13.97
N GLN B 340 -8.29 33.44 -15.18
CA GLN B 340 -8.99 33.87 -16.41
C GLN B 340 -9.88 32.73 -16.90
N GLU B 341 -9.59 31.51 -16.46
CA GLU B 341 -10.38 30.33 -16.85
C GLU B 341 -11.75 30.37 -16.19
N GLY B 342 -12.70 29.64 -16.76
CA GLY B 342 -14.07 29.65 -16.22
C GLY B 342 -14.28 28.65 -15.09
N SER B 343 -15.33 28.86 -14.30
CA SER B 343 -15.65 27.94 -13.17
C SER B 343 -16.66 26.89 -13.64
C1 WQB C . -6.03 -20.84 -3.93
C2 WQB C . -4.93 -21.73 -3.33
C3 WQB C . -4.38 -21.19 -1.98
C4 WQB C . -3.22 -22.03 -1.35
C01 WQB C . 1.76 -18.43 -1.49
C02 WQB C . 2.02 -18.10 -2.88
C03 WQB C . 2.65 -16.91 -3.26
C04 WQB C . 3.07 -15.99 -2.24
C05 WQB C . 2.84 -16.28 -0.89
C06 WQB C . 2.19 -17.52 -0.52
C16 WQB C . -1.87 -19.88 -0.55
C19 WQB C . -2.49 -21.29 -0.19
C23 WQB C . -1.11 -19.91 -3.06
C24 WQB C . -0.62 -20.87 -4.03
C25 WQB C . -0.99 -20.83 -5.39
C26 WQB C . -1.90 -19.82 -5.88
C27 WQB C . -2.40 -18.90 -4.96
C28 WQB C . -2.00 -18.94 -3.57
C33 WQB C . -2.37 -19.73 -7.38
C34 WQB C . -1.92 -18.42 -8.04
C38 WQB C . -3.92 -19.77 -7.48
F35 WQB C . -2.64 -17.33 -7.63
F36 WQB C . -0.61 -18.09 -7.84
F37 WQB C . -2.01 -18.36 -9.42
F39 WQB C . -4.54 -20.58 -6.57
F40 WQB C . -4.42 -20.20 -8.67
F41 WQB C . -4.59 -18.60 -7.27
N15 WQB C . -0.72 -19.92 -1.59
O13 WQB C . 1.65 -21.10 -1.60
O14 WQB C . 0.94 -20.19 0.41
O42 WQB C . -1.77 -20.72 -8.15
S12 WQB C . 0.94 -20.01 -1.01
C1 WQB D . 3.23 16.24 6.57
C2 WQB D . 2.23 16.35 7.75
C3 WQB D . 0.75 16.55 7.33
C4 WQB D . -0.11 17.11 8.50
C01 WQB D . -2.39 18.32 5.82
C02 WQB D . -3.18 17.19 6.25
C03 WQB D . -3.24 16.02 5.50
C04 WQB D . -2.49 15.90 4.27
C05 WQB D . -1.72 16.97 3.83
C06 WQB D . -1.68 18.18 4.62
C16 WQB D . -0.38 19.73 8.81
C19 WQB D . 0.46 18.43 9.10
C23 WQB D . 0.47 20.50 6.36
C24 WQB D . 0.57 21.82 5.75
C25 WQB D . 1.62 22.17 4.87
C26 WQB D . 2.65 21.21 4.53
C27 WQB D . 2.57 19.95 5.10
C28 WQB D . 1.49 19.59 5.99
C33 WQB D . 3.86 21.49 3.57
C34 WQB D . 3.93 20.48 2.42
C38 WQB D . 5.20 21.35 4.31
F35 WQB D . 2.69 20.22 1.86
F36 WQB D . 4.69 20.81 1.33
F37 WQB D . 4.41 19.25 2.75
F39 WQB D . 5.44 20.10 4.83
F40 WQB D . 5.30 22.14 5.43
F41 WQB D . 6.34 21.63 3.63
N15 WQB D . -0.66 20.06 7.30
O13 WQB D . -3.24 19.92 7.83
O14 WQB D . -2.59 20.96 5.84
O42 WQB D . 3.78 22.73 2.96
S12 WQB D . -2.30 19.90 6.75
#